data_3EOT
#
_entry.id   3EOT
#
_cell.length_a   83.163
_cell.length_b   132.425
_cell.length_c   41.827
_cell.angle_alpha   90.000
_cell.angle_beta   90.000
_cell.angle_gamma   90.000
#
_symmetry.space_group_name_H-M   'P 21 21 2'
#
loop_
_entity.id
_entity.type
_entity.pdbx_description
1 polymer 'FAB FRAGMENT, HEAVY CHAIN'
2 polymer 'FAB FRAGMENT, LIGHT CHAIN'
3 water water
#
loop_
_entity_poly.entity_id
_entity_poly.type
_entity_poly.pdbx_seq_one_letter_code
_entity_poly.pdbx_strand_id
1 'polypeptide(L)'
;EVQLVESGGGLVQPGGSLRLSCAASGFTFSRYTMSWVRQAPGKGLEWVATISGGGHTYYLDSVKGRFTISRDNSKNTLYL
QMNSLRAEDTAVYYCTRGFGDGGYFDVWGQGTLVTVSSAKTTPPSVYPLAPGSAAQTNSMVTLGCLVKGYFPEPVTVTWN
SGSLSSGVHTFPAVLQSDLYTLSSSVTVPSSTWPSETVTCNVAHPASSTKVDKKIVPRDCHHHHHH
;
H
2 'polypeptide(L)'
;QIQLTQSPSSLSASVGDRVTITCSASSSVNSSALFWYQQKPGKAPKPWIYLTSNLASGVPSRFSGSGSGTDYTLTISSLQ
PEDFATYYCQQISGNPWTFGQGTKVEIKRADAAPTVSIFPPSSEQLTSGGASVVCFLNNFYPKDINVKWKIDGSERQNGV
LNSWTDQDSKDSTYSMSSTLTLTKDEYERHNSYTCEATHKTSTSPIVKSFNRNEC
;
L
#
# COMPACT_ATOMS: atom_id res chain seq x y z
N GLU A 1 23.53 7.66 7.29
CA GLU A 1 23.05 6.69 6.26
C GLU A 1 22.23 7.40 5.19
N VAL A 2 22.15 6.80 4.01
CA VAL A 2 21.47 7.41 2.87
C VAL A 2 19.95 7.40 3.03
N GLN A 3 19.33 8.56 2.82
CA GLN A 3 17.88 8.70 2.95
C GLN A 3 17.30 9.70 1.97
N LEU A 4 16.13 9.38 1.44
CA LEU A 4 15.35 10.32 0.66
C LEU A 4 13.98 10.50 1.32
N VAL A 5 13.56 11.75 1.51
CA VAL A 5 12.29 12.03 2.17
C VAL A 5 11.48 13.04 1.36
N GLU A 6 10.31 12.62 0.88
CA GLU A 6 9.46 13.47 0.04
C GLU A 6 8.48 14.26 0.90
N SER A 7 8.10 15.44 0.41
CA SER A 7 6.99 16.19 0.99
C SER A 7 6.33 17.06 -0.07
N GLY A 8 5.12 17.51 0.22
CA GLY A 8 4.45 18.44 -0.67
C GLY A 8 3.27 17.82 -1.40
N GLY A 9 3.00 16.55 -1.11
CA GLY A 9 1.88 15.87 -1.74
C GLY A 9 0.57 16.18 -1.04
N GLY A 10 -0.54 15.87 -1.71
CA GLY A 10 -1.84 16.12 -1.14
C GLY A 10 -2.90 16.32 -2.19
N LEU A 11 -4.04 16.87 -1.80
CA LEU A 11 -5.14 17.10 -2.71
C LEU A 11 -4.93 18.35 -3.56
N VAL A 12 -5.29 18.26 -4.83
CA VAL A 12 -5.22 19.40 -5.74
C VAL A 12 -6.35 19.27 -6.76
N GLN A 13 -6.94 20.40 -7.14
CA GLN A 13 -8.03 20.38 -8.11
C GLN A 13 -7.49 20.26 -9.53
N PRO A 14 -8.24 19.60 -10.41
CA PRO A 14 -7.79 19.51 -11.80
C PRO A 14 -7.46 20.88 -12.37
N GLY A 15 -6.30 20.99 -13.01
CA GLY A 15 -5.83 22.29 -13.47
C GLY A 15 -4.96 22.97 -12.43
N GLY A 16 -5.00 22.47 -11.21
CA GLY A 16 -4.23 23.05 -10.14
C GLY A 16 -2.74 22.75 -10.25
N SER A 17 -1.97 23.29 -9.30
CA SER A 17 -0.53 23.11 -9.30
C SER A 17 -0.07 22.63 -7.93
N LEU A 18 1.03 21.89 -7.91
CA LEU A 18 1.57 21.34 -6.68
C LEU A 18 3.09 21.24 -6.84
N ARG A 19 3.82 21.41 -5.74
CA ARG A 19 5.27 21.33 -5.81
C ARG A 19 5.82 20.31 -4.82
N LEU A 20 6.43 19.25 -5.34
CA LEU A 20 7.01 18.22 -4.50
C LEU A 20 8.47 18.54 -4.23
N SER A 21 8.93 18.25 -3.01
CA SER A 21 10.34 18.36 -2.69
C SER A 21 10.83 17.01 -2.20
N CYS A 22 12.11 16.73 -2.43
CA CYS A 22 12.72 15.56 -1.84
C CYS A 22 14.01 15.95 -1.13
N ALA A 23 14.13 15.55 0.13
CA ALA A 23 15.29 15.92 0.95
C ALA A 23 16.25 14.75 1.07
N ALA A 24 17.47 14.93 0.55
CA ALA A 24 18.44 13.85 0.53
C ALA A 24 19.47 14.01 1.63
N SER A 25 19.88 12.89 2.23
CA SER A 25 20.90 12.91 3.27
C SER A 25 21.69 11.60 3.25
N GLY A 26 22.95 11.67 3.69
CA GLY A 26 23.75 10.46 3.81
C GLY A 26 24.64 10.15 2.62
N PHE A 27 24.68 11.07 1.66
CA PHE A 27 25.54 10.92 0.48
C PHE A 27 25.75 12.25 -0.21
N THR A 28 26.78 12.33 -1.04
CA THR A 28 27.07 13.57 -1.75
C THR A 28 26.08 13.75 -2.89
N PHE A 29 25.08 14.58 -2.63
CA PHE A 29 23.90 14.69 -3.48
C PHE A 29 24.24 15.16 -4.90
N SER A 30 25.20 16.08 -5.01
CA SER A 30 25.54 16.67 -6.30
C SER A 30 26.07 15.64 -7.29
N ARG A 31 26.51 14.49 -6.76
CA ARG A 31 27.18 13.48 -7.58
C ARG A 31 26.20 12.63 -8.39
N TYR A 32 24.95 12.61 -7.96
CA TYR A 32 24.00 11.63 -8.48
C TYR A 32 22.91 12.19 -9.39
N THR A 33 22.59 11.44 -10.44
CA THR A 33 21.40 11.71 -11.26
C THR A 33 20.17 11.21 -10.52
N MET A 34 19.16 12.08 -10.41
CA MET A 34 17.99 11.84 -9.57
C MET A 34 16.73 11.83 -10.43
N SER A 35 15.73 11.05 -10.02
CA SER A 35 14.51 10.91 -10.80
C SER A 35 13.27 10.95 -9.95
N TRP A 36 12.13 11.15 -10.59
CA TRP A 36 10.83 10.88 -9.99
C TRP A 36 10.18 9.73 -10.72
N VAL A 37 9.62 8.79 -9.95
CA VAL A 37 8.85 7.67 -10.47
C VAL A 37 7.49 7.72 -9.75
N ARG A 38 6.41 7.52 -10.50
CA ARG A 38 5.06 7.60 -9.94
C ARG A 38 4.35 6.25 -10.02
N GLN A 39 3.36 6.06 -9.15
CA GLN A 39 2.55 4.86 -9.19
C GLN A 39 1.10 5.20 -8.89
N ALA A 40 0.26 5.11 -9.92
CA ALA A 40 -1.15 5.37 -9.75
C ALA A 40 -1.78 4.24 -8.92
N PRO A 41 -2.84 4.56 -8.18
CA PRO A 41 -3.49 3.58 -7.30
C PRO A 41 -3.77 2.27 -8.01
N GLY A 42 -3.27 1.17 -7.45
CA GLY A 42 -3.53 -0.15 -8.01
C GLY A 42 -2.75 -0.48 -9.28
N LYS A 43 -1.90 0.44 -9.73
CA LYS A 43 -1.22 0.26 -11.02
C LYS A 43 0.29 0.14 -10.87
N GLY A 44 1.01 0.21 -12.00
CA GLY A 44 2.43 -0.10 -11.99
C GLY A 44 3.32 1.12 -11.87
N LEU A 45 4.64 0.90 -11.82
CA LEU A 45 5.59 2.01 -11.76
C LEU A 45 5.74 2.68 -13.11
N GLU A 46 5.89 4.01 -13.09
CA GLU A 46 6.06 4.78 -14.31
C GLU A 46 7.09 5.88 -14.10
N TRP A 47 8.14 5.89 -14.90
CA TRP A 47 9.13 6.95 -14.83
C TRP A 47 8.55 8.28 -15.28
N VAL A 48 8.90 9.36 -14.59
CA VAL A 48 8.29 10.67 -14.83
C VAL A 48 9.29 11.70 -15.35
N ALA A 49 10.41 11.85 -14.65
CA ALA A 49 11.41 12.84 -15.00
C ALA A 49 12.75 12.52 -14.34
N THR A 50 13.81 12.98 -14.98
CA THR A 50 15.17 12.78 -14.47
C THR A 50 15.96 14.08 -14.59
N ILE A 51 16.86 14.32 -13.64
CA ILE A 51 17.78 15.44 -13.75
C ILE A 51 19.20 14.97 -13.44
N SER A 52 20.10 15.17 -14.39
CA SER A 52 21.48 14.75 -14.23
C SER A 52 22.14 15.60 -13.16
N GLY A 53 23.26 15.12 -12.63
CA GLY A 53 24.07 15.96 -11.78
C GLY A 53 24.55 17.15 -12.57
N GLY A 54 24.48 17.03 -13.90
CA GLY A 54 24.85 18.12 -14.78
C GLY A 54 23.70 19.05 -15.10
N GLY A 55 22.55 18.81 -14.49
CA GLY A 55 21.42 19.71 -14.62
C GLY A 55 20.54 19.43 -15.82
N HIS A 56 20.95 18.49 -16.65
CA HIS A 56 20.19 18.14 -17.85
C HIS A 56 18.96 17.34 -17.47
N THR A 57 17.82 17.67 -18.06
CA THR A 57 16.54 17.11 -17.63
C THR A 57 15.81 16.31 -18.71
N TYR A 58 14.98 15.37 -18.28
CA TYR A 58 14.25 14.49 -19.19
C TYR A 58 12.85 14.26 -18.66
N TYR A 59 11.88 14.15 -19.57
CA TYR A 59 10.48 14.07 -19.15
C TYR A 59 9.70 13.00 -19.89
N LEU A 60 8.79 12.36 -19.17
CA LEU A 60 7.77 11.53 -19.80
C LEU A 60 6.97 12.43 -20.75
N ASP A 61 6.65 11.91 -21.93
CA ASP A 61 5.99 12.73 -22.95
C ASP A 61 4.76 13.43 -22.37
N SER A 62 3.96 12.68 -21.63
CA SER A 62 2.65 13.16 -21.18
C SER A 62 2.73 14.19 -20.06
N VAL A 63 3.93 14.48 -19.57
CA VAL A 63 4.07 15.55 -18.57
C VAL A 63 4.94 16.67 -19.10
N LYS A 64 5.38 16.52 -20.34
CA LYS A 64 6.20 17.54 -20.99
C LYS A 64 5.43 18.85 -21.05
N GLY A 65 6.01 19.90 -20.49
CA GLY A 65 5.37 21.21 -20.53
C GLY A 65 4.47 21.51 -19.35
N ARG A 66 4.13 20.49 -18.58
CA ARG A 66 3.33 20.67 -17.36
C ARG A 66 4.21 20.50 -16.13
N PHE A 67 5.13 19.56 -16.18
CA PHE A 67 6.03 19.28 -15.05
C PHE A 67 7.41 19.87 -15.30
N THR A 68 8.03 20.34 -14.22
CA THR A 68 9.42 20.79 -14.28
C THR A 68 10.20 20.13 -13.14
N ILE A 69 11.29 19.44 -13.48
CA ILE A 69 12.14 18.83 -12.47
C ILE A 69 13.37 19.70 -12.27
N SER A 70 13.73 19.95 -11.02
CA SER A 70 14.87 20.80 -10.70
C SER A 70 15.56 20.33 -9.43
N ARG A 71 16.69 20.94 -9.10
CA ARG A 71 17.40 20.60 -7.87
C ARG A 71 18.14 21.78 -7.25
N ASP A 72 18.28 21.75 -5.93
CA ASP A 72 19.08 22.73 -5.21
C ASP A 72 20.20 21.98 -4.49
N ASN A 73 21.38 21.95 -5.10
CA ASN A 73 22.48 21.15 -4.57
C ASN A 73 22.98 21.68 -3.23
N SER A 74 22.72 22.96 -2.95
CA SER A 74 23.18 23.56 -1.70
C SER A 74 22.28 23.14 -0.55
N LYS A 75 21.03 22.83 -0.88
CA LYS A 75 20.05 22.38 0.12
C LYS A 75 19.86 20.86 0.07
N ASN A 76 20.61 20.19 -0.81
CA ASN A 76 20.49 18.75 -0.99
C ASN A 76 19.04 18.35 -1.25
N THR A 77 18.39 19.10 -2.13
CA THR A 77 16.97 18.89 -2.38
C THR A 77 16.65 18.77 -3.87
N LEU A 78 15.80 17.81 -4.19
CA LEU A 78 15.26 17.65 -5.54
C LEU A 78 13.83 18.17 -5.54
N TYR A 79 13.39 18.73 -6.66
CA TYR A 79 12.04 19.26 -6.75
C TYR A 79 11.30 18.73 -7.96
N LEU A 80 9.97 18.68 -7.86
CA LEU A 80 9.11 18.46 -9.01
C LEU A 80 7.96 19.45 -8.99
N GLN A 81 7.94 20.36 -9.96
CA GLN A 81 6.87 21.34 -10.08
C GLN A 81 5.81 20.82 -11.06
N MET A 82 4.58 20.67 -10.57
CA MET A 82 3.51 20.09 -11.36
C MET A 82 2.39 21.09 -11.60
N ASN A 83 2.19 21.45 -12.87
CA ASN A 83 1.12 22.37 -13.23
C ASN A 83 0.12 21.65 -14.14
N SER A 84 -1.07 22.23 -14.27
CA SER A 84 -2.08 21.72 -15.19
C SER A 84 -2.44 20.27 -14.89
N LEU A 85 -2.50 19.94 -13.60
CA LEU A 85 -2.68 18.55 -13.17
C LEU A 85 -3.98 17.92 -13.65
N ARG A 86 -3.87 16.67 -14.12
CA ARG A 86 -5.02 15.92 -14.60
C ARG A 86 -5.34 14.78 -13.64
N ALA A 87 -6.54 14.21 -13.76
CA ALA A 87 -6.93 13.08 -12.94
C ALA A 87 -5.92 11.95 -13.11
N GLU A 88 -5.35 11.86 -14.31
CA GLU A 88 -4.40 10.81 -14.64
C GLU A 88 -3.08 10.98 -13.89
N ASP A 89 -2.92 12.11 -13.21
CA ASP A 89 -1.69 12.41 -12.48
C ASP A 89 -1.76 11.96 -11.02
N THR A 90 -2.93 11.54 -10.57
CA THR A 90 -3.08 11.03 -9.22
C THR A 90 -2.19 9.80 -9.06
N ALA A 91 -1.30 9.83 -8.06
CA ALA A 91 -0.36 8.74 -7.87
C ALA A 91 0.47 8.97 -6.63
N VAL A 92 1.17 7.93 -6.20
CA VAL A 92 2.26 8.10 -5.26
C VAL A 92 3.50 8.47 -6.06
N TYR A 93 4.15 9.56 -5.67
CA TYR A 93 5.36 10.02 -6.34
C TYR A 93 6.59 9.68 -5.50
N TYR A 94 7.53 8.95 -6.11
CA TYR A 94 8.76 8.54 -5.45
C TYR A 94 9.95 9.32 -6.00
N CYS A 95 10.80 9.78 -5.09
CA CYS A 95 12.12 10.26 -5.47
C CYS A 95 13.09 9.08 -5.45
N THR A 96 13.98 9.02 -6.44
CA THR A 96 14.98 7.97 -6.48
C THR A 96 16.38 8.52 -6.75
N ARG A 97 17.38 7.83 -6.21
CA ARG A 97 18.76 8.10 -6.57
C ARG A 97 19.20 7.09 -7.61
N GLY A 98 19.95 7.54 -8.61
CA GLY A 98 20.40 6.64 -9.65
C GLY A 98 21.85 6.24 -9.51
N PHE A 99 22.14 4.97 -9.76
CA PHE A 99 23.52 4.55 -9.91
C PHE A 99 23.97 4.84 -11.34
N GLY A 100 25.23 5.23 -11.50
CA GLY A 100 25.76 5.47 -12.83
C GLY A 100 25.01 6.53 -13.60
N ASP A 101 24.54 6.18 -14.81
CA ASP A 101 23.82 7.13 -15.65
C ASP A 101 22.43 7.45 -15.10
N GLY A 102 22.10 6.87 -13.96
CA GLY A 102 20.91 7.27 -13.23
C GLY A 102 19.74 6.30 -13.31
N GLY A 103 19.83 5.30 -14.17
CA GLY A 103 18.70 4.42 -14.41
C GLY A 103 18.47 3.34 -13.36
N TYR A 104 19.55 2.86 -12.74
CA TYR A 104 19.40 1.88 -11.67
C TYR A 104 19.03 2.63 -10.40
N PHE A 105 17.80 2.44 -9.94
CA PHE A 105 17.28 3.24 -8.83
C PHE A 105 17.63 2.52 -7.52
N ASP A 106 18.77 2.88 -6.93
CA ASP A 106 19.29 2.13 -5.80
C ASP A 106 18.83 2.63 -4.44
N VAL A 107 18.23 3.82 -4.39
CA VAL A 107 17.63 4.35 -3.18
C VAL A 107 16.33 5.07 -3.52
N TRP A 108 15.27 4.75 -2.78
CA TRP A 108 13.95 5.30 -3.03
C TRP A 108 13.45 6.09 -1.80
N GLY A 109 12.72 7.18 -2.05
CA GLY A 109 11.95 7.79 -0.98
C GLY A 109 10.76 6.94 -0.58
N GLN A 110 10.11 7.30 0.53
CA GLN A 110 8.95 6.56 1.01
C GLN A 110 7.71 6.86 0.16
N GLY A 111 7.75 7.97 -0.57
CA GLY A 111 6.65 8.31 -1.46
C GLY A 111 5.67 9.29 -0.86
N THR A 112 5.12 10.16 -1.69
CA THR A 112 4.09 11.08 -1.25
C THR A 112 2.90 11.00 -2.20
N LEU A 113 1.68 10.90 -1.65
CA LEU A 113 0.50 10.72 -2.48
C LEU A 113 -0.03 12.05 -2.99
N VAL A 114 -0.23 12.14 -4.29
CA VAL A 114 -0.87 13.31 -4.88
C VAL A 114 -2.21 12.92 -5.46
N THR A 115 -3.27 13.53 -4.94
CA THR A 115 -4.63 13.23 -5.36
C THR A 115 -5.22 14.43 -6.10
N VAL A 116 -5.48 14.26 -7.40
CA VAL A 116 -6.09 15.32 -8.20
C VAL A 116 -7.60 15.05 -8.28
N SER A 117 -8.37 15.89 -7.57
CA SER A 117 -9.81 15.67 -7.42
C SER A 117 -10.53 16.94 -6.98
N SER A 118 -11.78 17.07 -7.41
CA SER A 118 -12.61 18.22 -7.05
C SER A 118 -13.20 18.11 -5.64
N ALA A 119 -13.24 16.89 -5.11
CA ALA A 119 -13.83 16.66 -3.80
C ALA A 119 -13.10 17.45 -2.72
N LYS A 120 -13.83 17.78 -1.64
CA LYS A 120 -13.28 18.60 -0.56
C LYS A 120 -12.56 17.79 0.50
N THR A 121 -11.54 18.37 1.09
CA THR A 121 -10.89 17.78 2.25
C THR A 121 -11.92 17.58 3.35
N THR A 122 -11.96 16.37 3.91
CA THR A 122 -12.87 16.08 5.01
C THR A 122 -12.13 15.26 6.06
N PRO A 123 -12.06 15.76 7.30
CA PRO A 123 -11.38 15.05 8.39
C PRO A 123 -12.11 13.77 8.76
N PRO A 124 -11.39 12.78 9.32
CA PRO A 124 -11.99 11.53 9.73
C PRO A 124 -12.74 11.67 11.06
N SER A 125 -13.85 10.95 11.19
CA SER A 125 -14.39 10.68 12.52
C SER A 125 -13.78 9.38 12.99
N VAL A 126 -13.16 9.42 14.17
CA VAL A 126 -12.52 8.24 14.70
C VAL A 126 -13.31 7.70 15.90
N TYR A 127 -13.70 6.43 15.81
CA TYR A 127 -14.53 5.81 16.83
C TYR A 127 -13.80 4.64 17.46
N PRO A 128 -13.73 4.59 18.79
CA PRO A 128 -13.09 3.49 19.51
C PRO A 128 -13.96 2.26 19.48
N LEU A 129 -13.38 1.12 19.14
CA LEU A 129 -14.15 -0.13 19.06
C LEU A 129 -13.81 -1.07 20.21
N ALA A 130 -14.63 -1.04 21.25
CA ALA A 130 -14.47 -1.93 22.39
C ALA A 130 -15.42 -3.11 22.25
N PRO A 131 -15.01 -4.29 22.76
CA PRO A 131 -15.81 -5.51 22.65
C PRO A 131 -17.07 -5.45 23.51
N SER A 139 -7.44 -14.89 27.61
CA SER A 139 -6.51 -15.17 26.53
C SER A 139 -6.15 -13.89 25.76
N MET A 140 -6.82 -13.67 24.62
CA MET A 140 -6.51 -12.55 23.74
C MET A 140 -7.72 -11.70 23.40
N VAL A 141 -7.65 -10.41 23.74
CA VAL A 141 -8.72 -9.47 23.45
C VAL A 141 -8.42 -8.68 22.18
N THR A 142 -9.42 -8.55 21.31
CA THR A 142 -9.26 -7.75 20.09
C THR A 142 -10.01 -6.44 20.21
N LEU A 143 -9.31 -5.35 19.93
CA LEU A 143 -9.88 -4.01 20.00
C LEU A 143 -9.89 -3.43 18.59
N GLY A 144 -10.64 -2.35 18.40
CA GLY A 144 -10.73 -1.79 17.06
C GLY A 144 -10.72 -0.29 17.05
N CYS A 145 -10.36 0.22 15.88
CA CYS A 145 -10.47 1.63 15.61
C CYS A 145 -11.20 1.74 14.27
N LEU A 146 -12.27 2.53 14.25
CA LEU A 146 -12.96 2.83 13.00
C LEU A 146 -12.69 4.27 12.61
N VAL A 147 -12.14 4.47 11.41
CA VAL A 147 -11.75 5.78 10.92
C VAL A 147 -12.63 6.11 9.72
N LYS A 148 -13.63 6.96 9.93
CA LYS A 148 -14.73 7.06 8.98
C LYS A 148 -14.90 8.45 8.37
N GLY A 149 -15.13 8.48 7.07
CA GLY A 149 -15.63 9.68 6.43
C GLY A 149 -14.61 10.74 6.07
N TYR A 150 -13.43 10.32 5.62
CA TYR A 150 -12.36 11.28 5.32
C TYR A 150 -12.01 11.35 3.83
N PHE A 151 -11.35 12.44 3.44
CA PHE A 151 -10.85 12.60 2.08
C PHE A 151 -9.84 13.74 2.08
N PRO A 152 -8.73 13.59 1.34
CA PRO A 152 -8.31 12.41 0.57
C PRO A 152 -7.56 11.41 1.44
N GLU A 153 -7.08 10.33 0.83
CA GLU A 153 -6.06 9.49 1.45
C GLU A 153 -4.79 10.31 1.52
N PRO A 154 -3.83 9.91 2.38
CA PRO A 154 -3.88 8.79 3.31
C PRO A 154 -4.29 9.19 4.73
N VAL A 155 -4.59 8.19 5.56
CA VAL A 155 -4.48 8.36 7.00
C VAL A 155 -3.40 7.42 7.50
N THR A 156 -2.83 7.75 8.66
CA THR A 156 -1.90 6.86 9.33
C THR A 156 -2.52 6.35 10.62
N VAL A 157 -2.43 5.04 10.83
CA VAL A 157 -2.96 4.44 12.04
C VAL A 157 -1.86 3.71 12.79
N THR A 158 -1.66 4.08 14.04
CA THR A 158 -0.78 3.32 14.93
C THR A 158 -1.52 3.01 16.20
N TRP A 159 -1.01 2.03 16.94
CA TRP A 159 -1.56 1.70 18.24
C TRP A 159 -0.54 1.96 19.35
N ASN A 160 -0.93 2.80 20.31
CA ASN A 160 -0.04 3.24 21.39
C ASN A 160 1.22 3.87 20.81
N SER A 161 1.03 4.83 19.91
CA SER A 161 2.14 5.60 19.35
C SER A 161 3.23 4.72 18.75
N GLY A 162 2.90 3.46 18.48
CA GLY A 162 3.82 2.60 17.75
C GLY A 162 4.33 1.42 18.54
N SER A 163 4.22 1.48 19.87
CA SER A 163 4.71 0.42 20.73
C SER A 163 3.96 -0.88 20.47
N LEU A 164 2.68 -0.75 20.12
CA LEU A 164 1.87 -1.91 19.75
C LEU A 164 1.97 -2.11 18.24
N SER A 165 2.84 -3.03 17.82
CA SER A 165 3.14 -3.21 16.41
C SER A 165 2.66 -4.57 15.93
N SER A 166 2.94 -5.61 16.72
CA SER A 166 2.55 -6.96 16.36
C SER A 166 1.05 -7.15 16.61
N GLY A 167 0.44 -8.05 15.85
CA GLY A 167 -0.97 -8.35 16.04
C GLY A 167 -1.90 -7.25 15.55
N VAL A 168 -1.39 -6.42 14.64
CA VAL A 168 -2.18 -5.34 14.08
C VAL A 168 -2.54 -5.63 12.63
N HIS A 169 -3.83 -5.49 12.30
CA HIS A 169 -4.26 -5.48 10.89
C HIS A 169 -4.94 -4.15 10.61
N THR A 170 -4.32 -3.35 9.75
CA THR A 170 -4.97 -2.14 9.29
C THR A 170 -5.45 -2.35 7.87
N PHE A 171 -6.76 -2.29 7.70
CA PHE A 171 -7.37 -2.66 6.43
C PHE A 171 -7.39 -1.50 5.46
N PRO A 172 -7.15 -1.80 4.18
CA PRO A 172 -7.18 -0.72 3.19
C PRO A 172 -8.54 -0.03 3.19
N ALA A 173 -8.52 1.28 2.93
CA ALA A 173 -9.73 2.08 2.98
C ALA A 173 -10.66 1.74 1.82
N VAL A 174 -11.96 1.90 2.04
CA VAL A 174 -12.96 1.78 0.99
C VAL A 174 -13.54 3.17 0.71
N LEU A 175 -13.65 3.53 -0.57
CA LEU A 175 -14.23 4.81 -0.95
C LEU A 175 -15.72 4.68 -1.21
N GLN A 176 -16.50 5.62 -0.67
CA GLN A 176 -17.93 5.68 -0.92
C GLN A 176 -18.43 7.13 -0.87
N SER A 177 -18.91 7.61 -2.01
CA SER A 177 -19.38 8.99 -2.12
C SER A 177 -18.31 9.99 -1.71
N ASP A 178 -17.12 9.83 -2.27
CA ASP A 178 -16.03 10.77 -2.06
C ASP A 178 -15.59 10.81 -0.60
N LEU A 179 -15.96 9.79 0.17
CA LEU A 179 -15.43 9.64 1.52
C LEU A 179 -14.87 8.24 1.76
N TYR A 180 -13.67 8.19 2.33
CA TYR A 180 -13.02 6.93 2.69
C TYR A 180 -13.37 6.48 4.10
N THR A 181 -13.40 5.18 4.29
CA THR A 181 -13.49 4.62 5.63
C THR A 181 -12.52 3.45 5.71
N LEU A 182 -11.80 3.36 6.82
CA LEU A 182 -11.00 2.17 7.07
C LEU A 182 -11.16 1.77 8.51
N SER A 183 -10.63 0.60 8.84
CA SER A 183 -10.64 0.12 10.21
C SER A 183 -9.29 -0.52 10.48
N SER A 184 -8.97 -0.65 11.77
CA SER A 184 -7.76 -1.35 12.18
C SER A 184 -8.10 -2.14 13.44
N SER A 185 -7.71 -3.41 13.45
CA SER A 185 -7.86 -4.23 14.64
C SER A 185 -6.52 -4.35 15.33
N VAL A 186 -6.54 -4.58 16.64
CA VAL A 186 -5.34 -4.97 17.36
C VAL A 186 -5.70 -6.07 18.35
N THR A 187 -4.87 -7.11 18.38
CA THR A 187 -5.08 -8.20 19.33
C THR A 187 -3.97 -8.20 20.39
N VAL A 188 -4.37 -8.06 21.65
CA VAL A 188 -3.44 -8.05 22.77
C VAL A 188 -3.88 -9.08 23.82
N PRO A 189 -2.98 -9.44 24.75
CA PRO A 189 -3.37 -10.36 25.81
C PRO A 189 -4.45 -9.78 26.72
N SER A 190 -5.40 -10.61 27.11
CA SER A 190 -6.56 -10.17 27.89
C SER A 190 -6.15 -9.54 29.21
N SER A 191 -4.88 -9.69 29.58
CA SER A 191 -4.37 -9.15 30.83
C SER A 191 -3.72 -7.78 30.62
N THR A 192 -3.52 -7.40 29.35
CA THR A 192 -2.98 -6.09 29.01
C THR A 192 -4.09 -5.05 28.92
N TRP A 193 -5.28 -5.50 28.53
CA TRP A 193 -6.45 -4.63 28.42
C TRP A 193 -7.61 -5.29 29.14
N PRO A 194 -8.41 -4.52 29.89
CA PRO A 194 -8.26 -3.06 30.09
C PRO A 194 -7.20 -2.69 31.14
N SER A 195 -6.32 -3.63 31.46
CA SER A 195 -5.30 -3.41 32.48
C SER A 195 -4.52 -2.11 32.25
N GLU A 196 -3.83 -2.04 31.12
CA GLU A 196 -3.14 -0.82 30.72
C GLU A 196 -3.85 -0.17 29.54
N THR A 197 -3.58 1.10 29.34
CA THR A 197 -4.28 1.86 28.30
C THR A 197 -3.94 1.37 26.90
N VAL A 198 -4.96 1.23 26.05
CA VAL A 198 -4.75 1.05 24.62
C VAL A 198 -5.40 2.18 23.83
N THR A 199 -4.64 2.76 22.92
CA THR A 199 -5.14 3.89 22.17
C THR A 199 -4.77 3.72 20.70
N CYS A 200 -5.63 4.23 19.83
CA CYS A 200 -5.33 4.28 18.42
C CYS A 200 -5.00 5.72 18.06
N ASN A 201 -3.94 5.91 17.30
CA ASN A 201 -3.54 7.23 16.89
C ASN A 201 -3.81 7.39 15.40
N VAL A 202 -4.62 8.37 15.05
CA VAL A 202 -4.97 8.60 13.66
C VAL A 202 -4.52 9.97 13.18
N ALA A 203 -3.72 9.99 12.13
CA ALA A 203 -3.30 11.23 11.52
C ALA A 203 -3.90 11.33 10.12
N HIS A 204 -4.48 12.48 9.82
CA HIS A 204 -4.95 12.79 8.48
C HIS A 204 -4.34 14.14 8.12
N PRO A 205 -3.10 14.13 7.61
CA PRO A 205 -2.37 15.38 7.38
C PRO A 205 -3.05 16.33 6.38
N ALA A 206 -3.85 15.77 5.47
CA ALA A 206 -4.56 16.58 4.49
C ALA A 206 -5.44 17.64 5.14
N SER A 207 -5.99 17.30 6.30
CA SER A 207 -6.80 18.24 7.07
C SER A 207 -6.12 18.59 8.39
N SER A 208 -4.85 18.19 8.51
CA SER A 208 -4.06 18.46 9.71
C SER A 208 -4.68 17.81 10.94
N THR A 209 -5.65 16.94 10.69
CA THR A 209 -6.26 16.18 11.79
C THR A 209 -5.26 15.24 12.42
N LYS A 210 -5.18 15.30 13.74
CA LYS A 210 -4.48 14.30 14.53
C LYS A 210 -5.30 14.07 15.79
N VAL A 211 -5.73 12.84 15.99
CA VAL A 211 -6.58 12.51 17.11
C VAL A 211 -6.18 11.18 17.69
N ASP A 212 -6.31 11.06 19.00
CA ASP A 212 -6.08 9.80 19.69
C ASP A 212 -7.38 9.40 20.35
N LYS A 213 -7.71 8.12 20.24
CA LYS A 213 -8.92 7.62 20.87
C LYS A 213 -8.54 6.46 21.77
N LYS A 214 -8.62 6.67 23.08
CA LYS A 214 -8.39 5.60 24.03
C LYS A 214 -9.54 4.62 23.92
N ILE A 215 -9.22 3.33 24.00
CA ILE A 215 -10.26 2.30 24.03
C ILE A 215 -10.69 2.08 25.47
N VAL A 216 -11.92 2.45 25.78
CA VAL A 216 -12.48 2.27 27.12
C VAL A 216 -13.58 1.21 27.05
N PRO A 217 -13.60 0.28 28.02
CA PRO A 217 -14.64 -0.77 27.99
C PRO A 217 -16.06 -0.22 28.15
N ARG A 218 -17.03 -0.95 27.61
CA ARG A 218 -18.43 -0.50 27.62
C ARG A 218 -19.10 -0.78 28.95
N ASP A 219 -20.12 0.01 29.27
CA ASP A 219 -20.93 -0.22 30.46
C ASP A 219 -22.08 -1.18 30.15
N GLN B 1 11.04 3.94 -26.50
CA GLN B 1 9.68 3.34 -26.62
C GLN B 1 9.73 1.82 -26.57
N ILE B 2 10.74 1.27 -25.88
CA ILE B 2 10.81 -0.17 -25.64
C ILE B 2 9.81 -0.57 -24.56
N GLN B 3 8.88 -1.43 -24.91
CA GLN B 3 7.83 -1.86 -24.00
C GLN B 3 8.25 -3.17 -23.34
N LEU B 4 8.01 -3.27 -22.03
CA LEU B 4 8.27 -4.50 -21.28
C LEU B 4 6.96 -5.15 -20.83
N THR B 5 6.80 -6.43 -21.16
CA THR B 5 5.60 -7.19 -20.79
C THR B 5 6.03 -8.36 -19.91
N GLN B 6 5.51 -8.40 -18.69
CA GLN B 6 5.87 -9.48 -17.77
C GLN B 6 4.85 -10.60 -17.87
N SER B 7 5.33 -11.83 -17.71
CA SER B 7 4.45 -12.98 -17.58
C SER B 7 4.99 -13.92 -16.51
N PRO B 8 4.09 -14.55 -15.75
CA PRO B 8 2.65 -14.23 -15.78
C PRO B 8 2.41 -12.88 -15.09
N SER B 9 1.15 -12.41 -15.14
CA SER B 9 0.77 -11.18 -14.44
C SER B 9 0.62 -11.41 -12.95
N SER B 10 0.27 -12.63 -12.58
CA SER B 10 0.31 -13.01 -11.18
C SER B 10 0.39 -14.51 -11.06
N LEU B 11 0.86 -14.98 -9.91
CA LEU B 11 1.02 -16.40 -9.72
C LEU B 11 0.92 -16.73 -8.24
N SER B 12 0.49 -17.96 -7.98
CA SER B 12 0.45 -18.50 -6.63
C SER B 12 1.28 -19.78 -6.67
N ALA B 13 2.17 -19.96 -5.70
CA ALA B 13 3.02 -21.15 -5.64
C ALA B 13 3.26 -21.54 -4.20
N SER B 14 3.56 -22.82 -3.98
CA SER B 14 3.82 -23.32 -2.64
C SER B 14 5.24 -22.98 -2.21
N VAL B 15 5.46 -22.89 -0.90
CA VAL B 15 6.81 -22.71 -0.37
C VAL B 15 7.68 -23.84 -0.91
N GLY B 16 8.90 -23.51 -1.30
CA GLY B 16 9.79 -24.50 -1.87
C GLY B 16 9.75 -24.57 -3.38
N ASP B 17 8.72 -24.00 -3.99
CA ASP B 17 8.60 -24.04 -5.45
C ASP B 17 9.71 -23.20 -6.09
N ARG B 18 10.19 -23.65 -7.24
CA ARG B 18 11.03 -22.84 -8.09
C ARG B 18 10.11 -21.92 -8.90
N VAL B 19 10.36 -20.62 -8.85
CA VAL B 19 9.48 -19.65 -9.51
C VAL B 19 10.27 -18.79 -10.48
N THR B 20 9.79 -18.70 -11.72
CA THR B 20 10.43 -17.85 -12.73
C THR B 20 9.46 -16.86 -13.37
N ILE B 21 9.81 -15.58 -13.29
CA ILE B 21 9.04 -14.50 -13.89
C ILE B 21 9.77 -14.02 -15.13
N THR B 22 9.02 -13.83 -16.21
CA THR B 22 9.61 -13.44 -17.47
C THR B 22 9.34 -11.98 -17.77
N CYS B 23 10.35 -11.31 -18.30
CA CYS B 23 10.19 -9.95 -18.77
C CYS B 23 10.51 -9.96 -20.26
N SER B 24 9.52 -9.69 -21.11
CA SER B 24 9.72 -9.73 -22.55
C SER B 24 9.72 -8.30 -23.11
N ALA B 25 10.75 -7.96 -23.87
CA ALA B 25 10.90 -6.62 -24.44
C ALA B 25 10.48 -6.58 -25.91
N SER B 26 9.90 -5.46 -26.32
CA SER B 26 9.37 -5.33 -27.68
C SER B 26 10.47 -5.27 -28.73
N SER B 27 11.67 -4.90 -28.30
CA SER B 27 12.87 -5.01 -29.13
C SER B 27 14.07 -5.20 -28.20
N SER B 28 15.26 -5.37 -28.77
CA SER B 28 16.41 -5.83 -27.99
C SER B 28 16.83 -4.87 -26.89
N VAL B 29 17.26 -5.43 -25.77
CA VAL B 29 17.75 -4.68 -24.61
C VAL B 29 19.08 -5.30 -24.19
N ASN B 30 20.05 -4.47 -23.82
CA ASN B 30 21.36 -4.97 -23.42
C ASN B 30 21.29 -5.59 -22.02
N SER B 31 22.01 -6.68 -21.80
CA SER B 31 21.86 -7.43 -20.55
C SER B 31 22.20 -6.61 -19.31
N SER B 32 23.09 -5.63 -19.46
CA SER B 32 23.49 -4.80 -18.33
C SER B 32 22.50 -3.67 -18.07
N ALA B 33 21.41 -3.64 -18.83
CA ALA B 33 20.43 -2.56 -18.71
C ALA B 33 19.02 -3.04 -18.40
N LEU B 34 18.89 -4.28 -17.92
CA LEU B 34 17.59 -4.82 -17.52
C LEU B 34 17.64 -5.09 -16.01
N PHE B 35 16.82 -4.38 -15.24
CA PHE B 35 16.83 -4.52 -13.78
C PHE B 35 15.51 -5.06 -13.21
N TRP B 36 15.59 -5.65 -12.02
CA TRP B 36 14.38 -6.05 -11.28
C TRP B 36 14.27 -5.34 -9.93
N TYR B 37 13.04 -5.01 -9.55
CA TYR B 37 12.72 -4.39 -8.26
C TYR B 37 11.65 -5.22 -7.58
N GLN B 38 11.65 -5.23 -6.25
CA GLN B 38 10.58 -5.88 -5.49
C GLN B 38 9.85 -4.79 -4.73
N GLN B 39 8.53 -4.83 -4.73
CA GLN B 39 7.75 -3.88 -3.94
C GLN B 39 6.75 -4.59 -3.04
N LYS B 40 6.86 -4.34 -1.75
CA LYS B 40 5.84 -4.77 -0.80
C LYS B 40 4.67 -3.80 -0.85
N PRO B 41 3.46 -4.27 -0.56
CA PRO B 41 2.29 -3.39 -0.62
C PRO B 41 2.44 -2.18 0.31
N GLY B 42 2.18 -0.99 -0.22
CA GLY B 42 2.23 0.21 0.59
C GLY B 42 3.63 0.75 0.84
N LYS B 43 4.64 0.07 0.31
CA LYS B 43 6.02 0.47 0.51
C LYS B 43 6.67 0.86 -0.82
N ALA B 44 7.79 1.56 -0.75
CA ALA B 44 8.56 1.88 -1.94
C ALA B 44 9.20 0.60 -2.48
N PRO B 45 9.42 0.55 -3.80
CA PRO B 45 10.18 -0.53 -4.44
C PRO B 45 11.62 -0.55 -3.88
N LYS B 46 12.24 -1.72 -3.87
CA LYS B 46 13.67 -1.82 -3.60
C LYS B 46 14.35 -2.46 -4.79
N PRO B 47 15.57 -1.99 -5.12
CA PRO B 47 16.38 -2.65 -6.15
C PRO B 47 16.63 -4.09 -5.75
N TRP B 48 16.61 -5.00 -6.72
CA TRP B 48 16.65 -6.42 -6.40
C TRP B 48 17.74 -7.19 -7.15
N ILE B 49 17.74 -7.08 -8.47
CA ILE B 49 18.68 -7.85 -9.30
C ILE B 49 19.16 -7.03 -10.48
N TYR B 50 20.46 -7.11 -10.78
CA TYR B 50 21.00 -6.61 -12.03
C TYR B 50 22.06 -7.57 -12.54
N LEU B 51 22.40 -7.41 -13.82
CA LEU B 51 23.36 -8.29 -14.47
C LEU B 51 24.58 -7.47 -14.86
N THR B 52 25.73 -8.11 -14.89
CA THR B 52 26.94 -7.38 -15.20
C THR B 52 27.97 -8.25 -15.90
N SER B 53 28.84 -7.58 -16.65
CA SER B 53 30.07 -8.17 -17.18
C SER B 53 31.12 -8.24 -16.04
N ASN B 54 31.86 -9.34 -15.98
CA ASN B 54 32.93 -9.49 -15.00
C ASN B 54 34.23 -9.83 -15.72
N LEU B 55 35.33 -9.26 -15.24
CA LEU B 55 36.62 -9.50 -15.85
C LEU B 55 37.42 -10.52 -15.05
N ALA B 56 38.03 -11.48 -15.73
CA ALA B 56 38.82 -12.49 -15.06
C ALA B 56 40.08 -11.82 -14.52
N SER B 57 40.89 -12.60 -13.82
CA SER B 57 42.12 -12.09 -13.24
C SER B 57 43.00 -11.38 -14.28
N GLY B 58 43.43 -10.17 -13.95
CA GLY B 58 44.42 -9.50 -14.76
C GLY B 58 43.90 -8.83 -16.01
N VAL B 59 42.61 -8.99 -16.30
CA VAL B 59 42.02 -8.40 -17.51
C VAL B 59 41.78 -6.90 -17.30
N PRO B 60 42.31 -6.06 -18.20
CA PRO B 60 42.13 -4.60 -18.08
C PRO B 60 40.69 -4.14 -18.31
N SER B 61 40.31 -3.08 -17.62
CA SER B 61 38.90 -2.69 -17.52
C SER B 61 38.32 -2.16 -18.82
N ARG B 62 39.17 -1.96 -19.83
CA ARG B 62 38.68 -1.56 -21.15
C ARG B 62 37.92 -2.69 -21.84
N PHE B 63 37.98 -3.89 -21.26
CA PHE B 63 37.20 -5.02 -21.76
C PHE B 63 35.85 -5.13 -21.04
N SER B 64 34.80 -5.42 -21.80
CA SER B 64 33.50 -5.77 -21.21
C SER B 64 32.74 -6.73 -22.13
N GLY B 65 31.79 -7.44 -21.55
CA GLY B 65 30.93 -8.27 -22.37
C GLY B 65 29.47 -7.97 -22.09
N SER B 66 28.60 -8.37 -23.01
CA SER B 66 27.16 -8.38 -22.73
C SER B 66 26.39 -9.27 -23.68
N GLY B 67 25.09 -9.34 -23.47
CA GLY B 67 24.21 -10.05 -24.37
C GLY B 67 23.14 -9.07 -24.81
N SER B 68 22.53 -9.35 -25.96
CA SER B 68 21.46 -8.52 -26.48
C SER B 68 20.29 -9.44 -26.78
N GLY B 69 19.10 -9.08 -26.33
CA GLY B 69 17.94 -9.93 -26.53
C GLY B 69 16.67 -9.37 -25.93
N THR B 70 15.59 -10.15 -25.99
CA THR B 70 14.28 -9.67 -25.59
C THR B 70 13.72 -10.48 -24.43
N ASP B 71 14.48 -11.49 -24.01
CA ASP B 71 14.01 -12.41 -22.97
C ASP B 71 14.84 -12.34 -21.69
N TYR B 72 14.22 -11.89 -20.60
CA TYR B 72 14.92 -11.82 -19.32
C TYR B 72 14.08 -12.42 -18.20
N THR B 73 14.74 -13.00 -17.21
CA THR B 73 14.03 -13.70 -16.16
C THR B 73 14.53 -13.35 -14.77
N LEU B 74 13.62 -13.45 -13.81
CA LEU B 74 13.97 -13.48 -12.40
C LEU B 74 13.51 -14.85 -11.90
N THR B 75 14.39 -15.53 -11.17
CA THR B 75 14.07 -16.85 -10.66
C THR B 75 14.24 -16.89 -9.14
N ILE B 76 13.29 -17.54 -8.47
CA ILE B 76 13.42 -17.82 -7.05
C ILE B 76 13.58 -19.34 -6.95
N SER B 77 14.74 -19.80 -6.47
CA SER B 77 15.01 -21.23 -6.48
C SER B 77 14.09 -22.01 -5.53
N SER B 78 13.70 -21.38 -4.44
CA SER B 78 12.80 -22.02 -3.46
C SER B 78 11.92 -20.94 -2.82
N LEU B 79 10.66 -20.85 -3.23
CA LEU B 79 9.79 -19.75 -2.80
C LEU B 79 9.61 -19.79 -1.29
N GLN B 80 9.76 -18.63 -0.63
CA GLN B 80 9.51 -18.52 0.79
C GLN B 80 8.38 -17.52 1.06
N PRO B 81 7.76 -17.57 2.24
CA PRO B 81 6.62 -16.70 2.54
C PRO B 81 6.92 -15.20 2.48
N GLU B 82 8.13 -14.81 2.84
CA GLU B 82 8.50 -13.41 2.81
C GLU B 82 8.74 -12.90 1.38
N ASP B 83 8.64 -13.80 0.40
CA ASP B 83 8.79 -13.42 -1.00
C ASP B 83 7.48 -12.90 -1.62
N PHE B 84 6.42 -12.87 -0.82
CA PHE B 84 5.19 -12.21 -1.25
C PHE B 84 5.50 -10.79 -1.68
N ALA B 85 5.15 -10.45 -2.92
CA ALA B 85 5.43 -9.12 -3.43
C ALA B 85 4.98 -8.98 -4.88
N THR B 86 5.05 -7.75 -5.37
CA THR B 86 5.02 -7.50 -6.80
C THR B 86 6.42 -7.16 -7.28
N TYR B 87 6.87 -7.85 -8.32
CA TYR B 87 8.19 -7.61 -8.88
C TYR B 87 8.05 -6.88 -10.20
N TYR B 88 8.91 -5.88 -10.43
CA TYR B 88 8.91 -5.12 -11.67
C TYR B 88 10.26 -5.24 -12.37
N CYS B 89 10.24 -5.44 -13.68
CA CYS B 89 11.45 -5.25 -14.46
C CYS B 89 11.48 -3.83 -15.05
N GLN B 90 12.67 -3.40 -15.45
CA GLN B 90 12.90 -2.05 -15.96
C GLN B 90 14.05 -2.16 -16.95
N GLN B 91 13.96 -1.43 -18.06
CA GLN B 91 15.08 -1.36 -18.99
C GLN B 91 15.54 0.08 -19.10
N ILE B 92 16.85 0.28 -19.16
CA ILE B 92 17.39 1.61 -19.38
C ILE B 92 18.29 1.65 -20.62
N SER B 93 18.12 0.66 -21.49
CA SER B 93 18.79 0.60 -22.79
C SER B 93 18.29 1.71 -23.70
N GLY B 94 16.97 1.87 -23.76
CA GLY B 94 16.41 2.91 -24.58
C GLY B 94 15.93 4.06 -23.71
N ASN B 95 15.75 5.22 -24.32
CA ASN B 95 15.03 6.31 -23.68
C ASN B 95 13.69 6.51 -24.40
N PRO B 96 12.61 6.72 -23.64
CA PRO B 96 12.58 6.82 -22.18
C PRO B 96 12.80 5.44 -21.54
N TRP B 97 13.34 5.44 -20.32
CA TRP B 97 13.39 4.22 -19.52
C TRP B 97 11.96 3.72 -19.25
N THR B 98 11.77 2.40 -19.28
CA THR B 98 10.45 1.85 -19.04
C THR B 98 10.45 0.69 -18.04
N PHE B 99 9.30 0.51 -17.38
CA PHE B 99 9.06 -0.60 -16.46
C PHE B 99 8.07 -1.60 -17.08
N GLY B 100 8.17 -2.85 -16.66
CA GLY B 100 7.10 -3.79 -16.95
C GLY B 100 5.89 -3.53 -16.08
N GLN B 101 4.81 -4.26 -16.32
CA GLN B 101 3.54 -3.95 -15.67
C GLN B 101 3.45 -4.56 -14.27
N GLY B 102 4.42 -5.39 -13.93
CA GLY B 102 4.48 -5.98 -12.60
C GLY B 102 3.96 -7.40 -12.56
N THR B 103 4.57 -8.22 -11.69
CA THR B 103 4.10 -9.59 -11.45
C THR B 103 3.90 -9.79 -9.96
N LYS B 104 2.66 -10.09 -9.56
CA LYS B 104 2.35 -10.30 -8.16
C LYS B 104 2.55 -11.77 -7.81
N VAL B 105 3.38 -12.02 -6.80
CA VAL B 105 3.68 -13.37 -6.38
C VAL B 105 3.06 -13.59 -5.01
N GLU B 106 2.16 -14.57 -4.92
CA GLU B 106 1.56 -14.92 -3.65
C GLU B 106 1.89 -16.37 -3.31
N ILE B 107 1.87 -16.69 -2.02
CA ILE B 107 2.26 -18.01 -1.52
C ILE B 107 1.06 -18.91 -1.26
N LYS B 108 1.15 -20.17 -1.69
CA LYS B 108 0.17 -21.18 -1.30
C LYS B 108 0.52 -21.71 0.09
N ARG B 109 -0.47 -22.24 0.78
CA ARG B 109 -0.39 -22.32 2.24
C ARG B 109 -1.37 -23.35 2.75
N ALA B 110 -1.17 -23.79 3.98
CA ALA B 110 -2.13 -24.68 4.62
C ALA B 110 -3.40 -23.90 4.95
N ASP B 111 -4.55 -24.49 4.62
CA ASP B 111 -5.84 -23.84 4.89
C ASP B 111 -5.97 -23.54 6.38
N ALA B 112 -6.28 -22.28 6.70
CA ALA B 112 -6.45 -21.84 8.09
C ALA B 112 -7.78 -21.09 8.27
N ALA B 113 -8.35 -21.21 9.47
CA ALA B 113 -9.66 -20.61 9.73
C ALA B 113 -9.52 -19.23 10.38
N PRO B 114 -10.48 -18.33 10.07
CA PRO B 114 -10.47 -16.96 10.57
C PRO B 114 -10.71 -16.84 12.07
N THR B 115 -10.07 -15.87 12.71
CA THR B 115 -10.49 -15.42 14.03
C THR B 115 -11.49 -14.28 13.90
N VAL B 116 -12.73 -14.53 14.32
CA VAL B 116 -13.84 -13.60 14.09
C VAL B 116 -14.26 -12.84 15.35
N SER B 117 -14.40 -11.53 15.22
CA SER B 117 -14.91 -10.74 16.32
C SER B 117 -15.88 -9.69 15.80
N ILE B 118 -16.87 -9.36 16.62
CA ILE B 118 -17.88 -8.40 16.21
C ILE B 118 -17.96 -7.27 17.22
N PHE B 119 -18.16 -6.05 16.73
CA PHE B 119 -18.20 -4.86 17.58
C PHE B 119 -19.45 -4.05 17.31
N PRO B 120 -20.23 -3.78 18.36
CA PRO B 120 -21.38 -2.88 18.25
C PRO B 120 -20.91 -1.47 17.96
N PRO B 121 -21.82 -0.60 17.49
CA PRO B 121 -21.49 0.81 17.31
C PRO B 121 -20.99 1.40 18.64
N SER B 122 -20.03 2.32 18.58
CA SER B 122 -19.58 2.99 19.79
C SER B 122 -20.54 4.12 20.15
N SER B 123 -20.60 4.47 21.43
CA SER B 123 -21.53 5.51 21.88
C SER B 123 -21.29 6.81 21.13
N GLU B 124 -20.02 7.09 20.85
CA GLU B 124 -19.64 8.31 20.15
C GLU B 124 -20.30 8.39 18.78
N GLN B 125 -20.22 7.30 18.01
CA GLN B 125 -20.83 7.31 16.70
C GLN B 125 -22.34 7.43 16.81
N LEU B 126 -22.91 6.71 17.76
CA LEU B 126 -24.36 6.75 17.96
C LEU B 126 -24.84 8.16 18.29
N THR B 127 -24.13 8.86 19.15
CA THR B 127 -24.50 10.22 19.49
C THR B 127 -24.48 11.11 18.24
N SER B 128 -23.63 10.76 17.28
CA SER B 128 -23.54 11.52 16.04
C SER B 128 -24.62 11.13 15.05
N GLY B 129 -25.35 10.05 15.34
CA GLY B 129 -26.47 9.67 14.50
C GLY B 129 -26.20 8.48 13.60
N GLY B 130 -25.05 7.85 13.78
CA GLY B 130 -24.68 6.72 12.95
C GLY B 130 -24.48 5.44 13.74
N ALA B 131 -24.51 4.31 13.04
CA ALA B 131 -24.29 3.03 13.68
C ALA B 131 -23.58 2.08 12.72
N SER B 132 -22.27 1.94 12.92
CA SER B 132 -21.50 0.94 12.19
C SER B 132 -21.26 -0.29 13.05
N VAL B 133 -21.60 -1.45 12.51
CA VAL B 133 -21.28 -2.71 13.17
C VAL B 133 -20.11 -3.33 12.41
N VAL B 134 -19.07 -3.67 13.16
CA VAL B 134 -17.83 -4.11 12.53
C VAL B 134 -17.50 -5.55 12.86
N CYS B 135 -17.08 -6.28 11.83
CA CYS B 135 -16.67 -7.65 12.01
C CYS B 135 -15.27 -7.81 11.46
N PHE B 136 -14.34 -8.31 12.28
CA PHE B 136 -13.02 -8.66 11.80
C PHE B 136 -12.93 -10.17 11.60
N LEU B 137 -12.43 -10.58 10.44
CA LEU B 137 -12.13 -11.98 10.17
C LEU B 137 -10.63 -12.07 9.90
N ASN B 138 -9.88 -12.52 10.90
CA ASN B 138 -8.43 -12.33 10.89
C ASN B 138 -7.64 -13.60 10.63
N ASN B 139 -6.57 -13.46 9.85
CA ASN B 139 -5.56 -14.50 9.69
C ASN B 139 -6.09 -15.84 9.20
N PHE B 140 -6.72 -15.84 8.02
CA PHE B 140 -7.22 -17.07 7.42
C PHE B 140 -6.59 -17.36 6.06
N TYR B 141 -6.77 -18.59 5.58
CA TYR B 141 -6.37 -18.97 4.21
C TYR B 141 -7.20 -20.19 3.77
N PRO B 142 -7.61 -20.25 2.49
CA PRO B 142 -7.41 -19.37 1.33
C PRO B 142 -8.07 -18.01 1.50
N LYS B 143 -7.82 -17.11 0.54
CA LYS B 143 -8.31 -15.74 0.60
C LYS B 143 -9.82 -15.65 0.35
N ASP B 144 -10.36 -16.59 -0.41
CA ASP B 144 -11.78 -16.60 -0.74
C ASP B 144 -12.61 -16.83 0.53
N ILE B 145 -13.59 -15.98 0.75
CA ILE B 145 -14.42 -16.10 1.94
C ILE B 145 -15.72 -15.33 1.74
N ASN B 146 -16.79 -15.78 2.38
CA ASN B 146 -18.07 -15.08 2.26
C ASN B 146 -18.56 -14.64 3.64
N VAL B 147 -19.05 -13.40 3.71
CA VAL B 147 -19.61 -12.90 4.96
C VAL B 147 -21.05 -12.49 4.73
N LYS B 148 -21.95 -12.99 5.58
CA LYS B 148 -23.35 -12.61 5.53
C LYS B 148 -23.70 -11.94 6.85
N TRP B 149 -24.42 -10.82 6.78
CA TRP B 149 -24.91 -10.18 7.98
C TRP B 149 -26.38 -10.56 8.19
N LYS B 150 -26.72 -10.98 9.40
CA LYS B 150 -28.12 -11.20 9.75
C LYS B 150 -28.57 -10.25 10.84
N ILE B 151 -29.78 -9.72 10.67
CA ILE B 151 -30.38 -8.80 11.64
C ILE B 151 -31.68 -9.41 12.15
N ASP B 152 -31.78 -9.60 13.45
CA ASP B 152 -32.80 -10.48 14.03
C ASP B 152 -33.01 -11.74 13.17
N GLY B 153 -31.91 -12.29 12.68
CA GLY B 153 -31.97 -13.59 12.03
C GLY B 153 -32.20 -13.55 10.53
N SER B 154 -32.49 -12.37 9.99
CA SER B 154 -32.79 -12.25 8.57
C SER B 154 -31.64 -11.57 7.85
N GLU B 155 -31.31 -12.06 6.66
CA GLU B 155 -30.15 -11.57 5.95
C GLU B 155 -30.26 -10.10 5.56
N ARG B 156 -29.16 -9.38 5.81
CA ARG B 156 -29.04 -7.98 5.42
C ARG B 156 -27.67 -7.78 4.78
N GLN B 157 -27.65 -7.46 3.50
CA GLN B 157 -26.41 -7.07 2.85
C GLN B 157 -26.47 -5.62 2.38
N ASN B 158 -27.58 -4.95 2.71
CA ASN B 158 -27.72 -3.52 2.47
C ASN B 158 -26.77 -2.77 3.41
N GLY B 159 -25.85 -2.00 2.84
CA GLY B 159 -24.99 -1.14 3.65
C GLY B 159 -23.72 -1.80 4.16
N VAL B 160 -23.28 -2.85 3.47
CA VAL B 160 -22.10 -3.62 3.88
C VAL B 160 -20.90 -3.27 3.02
N LEU B 161 -19.78 -2.92 3.67
CA LEU B 161 -18.53 -2.64 2.97
C LEU B 161 -17.41 -3.56 3.48
N ASN B 162 -16.73 -4.20 2.55
CA ASN B 162 -15.75 -5.24 2.86
C ASN B 162 -14.34 -4.82 2.41
N SER B 163 -13.33 -5.22 3.18
CA SER B 163 -11.94 -4.92 2.82
C SER B 163 -10.98 -6.02 3.22
N TRP B 164 -10.12 -6.44 2.29
CA TRP B 164 -9.17 -7.53 2.50
C TRP B 164 -7.77 -6.94 2.62
N THR B 165 -6.98 -7.43 3.57
CA THR B 165 -5.58 -7.07 3.63
C THR B 165 -4.81 -7.80 2.54
N ASP B 166 -3.61 -7.30 2.25
CA ASP B 166 -2.65 -8.02 1.42
C ASP B 166 -2.21 -9.24 2.20
N GLN B 167 -1.67 -10.23 1.49
CA GLN B 167 -1.17 -11.44 2.15
C GLN B 167 -0.12 -11.07 3.18
N ASP B 168 -0.13 -11.80 4.30
CA ASP B 168 0.82 -11.57 5.37
C ASP B 168 2.18 -12.16 4.98
N SER B 169 3.25 -11.41 5.21
CA SER B 169 4.59 -11.80 4.78
C SER B 169 5.25 -12.82 5.69
N LYS B 170 4.65 -13.06 6.86
CA LYS B 170 5.15 -14.07 7.79
C LYS B 170 4.37 -15.38 7.67
N ASP B 171 3.06 -15.31 7.89
CA ASP B 171 2.25 -16.52 7.96
C ASP B 171 1.51 -16.82 6.66
N SER B 172 1.53 -15.86 5.74
CA SER B 172 0.90 -16.03 4.43
C SER B 172 -0.63 -16.16 4.54
N THR B 173 -1.23 -15.57 5.56
CA THR B 173 -2.68 -15.58 5.66
C THR B 173 -3.26 -14.26 5.16
N TYR B 174 -4.58 -14.19 5.09
CA TYR B 174 -5.28 -12.95 4.77
C TYR B 174 -6.23 -12.59 5.90
N SER B 175 -6.55 -11.31 6.01
CA SER B 175 -7.58 -10.85 6.94
C SER B 175 -8.59 -10.01 6.17
N MET B 176 -9.78 -9.88 6.74
CA MET B 176 -10.84 -9.11 6.09
C MET B 176 -11.66 -8.41 7.17
N SER B 177 -12.12 -7.20 6.87
CA SER B 177 -13.08 -6.55 7.75
C SER B 177 -14.36 -6.30 6.98
N SER B 178 -15.48 -6.52 7.66
CA SER B 178 -16.80 -6.26 7.08
C SER B 178 -17.51 -5.28 8.00
N THR B 179 -18.01 -4.19 7.42
CA THR B 179 -18.68 -3.17 8.19
C THR B 179 -20.09 -2.93 7.68
N LEU B 180 -21.07 -3.14 8.56
CA LEU B 180 -22.45 -2.85 8.26
C LEU B 180 -22.82 -1.50 8.88
N THR B 181 -23.21 -0.55 8.03
CA THR B 181 -23.51 0.79 8.51
C THR B 181 -24.98 1.16 8.32
N LEU B 182 -25.60 1.56 9.42
CA LEU B 182 -27.01 1.89 9.47
C LEU B 182 -27.12 3.30 10.09
N THR B 183 -28.27 3.93 9.94
CA THR B 183 -28.58 5.10 10.78
C THR B 183 -28.76 4.61 12.20
N LYS B 184 -28.60 5.51 13.17
CA LYS B 184 -28.91 5.16 14.54
C LYS B 184 -30.37 4.71 14.67
N ASP B 185 -31.27 5.44 14.00
CA ASP B 185 -32.71 5.09 14.04
C ASP B 185 -32.94 3.63 13.60
N GLU B 186 -32.27 3.22 12.52
CA GLU B 186 -32.48 1.87 11.98
C GLU B 186 -31.86 0.82 12.90
N TYR B 187 -30.66 1.11 13.39
CA TYR B 187 -29.99 0.27 14.35
C TYR B 187 -30.90 -0.08 15.53
N GLU B 188 -31.68 0.88 15.98
CA GLU B 188 -32.56 0.65 17.13
C GLU B 188 -33.89 -0.04 16.77
N ARG B 189 -34.06 -0.42 15.52
CA ARG B 189 -35.24 -1.17 15.09
C ARG B 189 -35.03 -2.68 15.13
N HIS B 190 -33.83 -3.11 15.48
CA HIS B 190 -33.52 -4.54 15.53
C HIS B 190 -32.73 -4.87 16.78
N ASN B 191 -32.78 -6.13 17.19
CA ASN B 191 -32.09 -6.53 18.41
C ASN B 191 -30.79 -7.27 18.18
N SER B 192 -30.84 -8.42 17.50
CA SER B 192 -29.64 -9.23 17.33
C SER B 192 -28.92 -8.91 16.02
N TYR B 193 -27.60 -8.84 16.09
CA TYR B 193 -26.78 -8.56 14.93
C TYR B 193 -25.72 -9.65 14.83
N THR B 194 -25.62 -10.24 13.64
CA THR B 194 -24.82 -11.43 13.42
C THR B 194 -23.99 -11.31 12.15
N CYS B 195 -22.71 -11.63 12.23
CA CYS B 195 -21.98 -11.86 10.98
C CYS B 195 -21.62 -13.33 10.89
N GLU B 196 -21.94 -13.92 9.74
CA GLU B 196 -21.65 -15.33 9.48
C GLU B 196 -20.55 -15.40 8.44
N ALA B 197 -19.50 -16.13 8.76
CA ALA B 197 -18.38 -16.30 7.84
C ALA B 197 -18.39 -17.71 7.29
N THR B 198 -18.49 -17.83 5.97
CA THR B 198 -18.45 -19.13 5.33
C THR B 198 -17.12 -19.29 4.61
N HIS B 199 -16.28 -20.18 5.15
CA HIS B 199 -14.93 -20.38 4.65
C HIS B 199 -14.72 -21.87 4.38
N LYS B 200 -13.85 -22.19 3.42
CA LYS B 200 -13.69 -23.57 2.97
C LYS B 200 -13.27 -24.50 4.11
N THR B 201 -12.82 -23.93 5.22
CA THR B 201 -12.46 -24.73 6.39
C THR B 201 -13.69 -25.26 7.13
N SER B 202 -14.86 -25.19 6.47
CA SER B 202 -16.07 -25.92 6.88
C SER B 202 -17.31 -25.49 6.11
N THR B 203 -18.37 -26.31 6.16
CA THR B 203 -19.67 -25.91 5.64
C THR B 203 -20.49 -25.23 6.72
N SER B 204 -20.17 -25.50 7.98
CA SER B 204 -20.79 -24.80 9.09
C SER B 204 -20.19 -23.40 9.24
N PRO B 205 -20.99 -22.36 8.96
CA PRO B 205 -20.48 -20.98 9.06
C PRO B 205 -20.04 -20.61 10.47
N ILE B 206 -19.03 -19.76 10.56
CA ILE B 206 -18.59 -19.23 11.85
C ILE B 206 -19.41 -17.99 12.16
N VAL B 207 -19.99 -17.94 13.35
CA VAL B 207 -20.98 -16.92 13.69
C VAL B 207 -20.62 -16.17 14.96
N LYS B 208 -20.53 -14.85 14.87
CA LYS B 208 -20.42 -14.02 16.06
C LYS B 208 -21.60 -13.06 16.06
N SER B 209 -22.20 -12.88 17.23
CA SER B 209 -23.45 -12.15 17.33
C SER B 209 -23.51 -11.43 18.68
N PHE B 210 -24.26 -10.34 18.72
CA PHE B 210 -24.66 -9.71 19.97
C PHE B 210 -26.10 -9.25 19.88
N ASN B 211 -26.71 -8.99 21.04
CA ASN B 211 -28.04 -8.41 21.10
C ASN B 211 -27.94 -6.98 21.62
N ARG B 212 -28.56 -6.04 20.90
CA ARG B 212 -28.40 -4.63 21.19
C ARG B 212 -28.92 -4.29 22.59
N ASN B 213 -29.88 -5.07 23.07
CA ASN B 213 -30.57 -4.73 24.31
C ASN B 213 -30.05 -5.51 25.52
N GLU B 214 -29.01 -6.32 25.32
CA GLU B 214 -28.27 -6.90 26.43
C GLU B 214 -27.12 -5.98 26.85
#